data_7Z3M
#
_entry.id   7Z3M
#
_cell.length_a   90.895
_cell.length_b   90.895
_cell.length_c   101.438
_cell.angle_alpha   90.000
_cell.angle_beta   90.000
_cell.angle_gamma   120.000
#
_symmetry.space_group_name_H-M   'P 61'
#
loop_
_entity.id
_entity.type
_entity.pdbx_description
1 polymer recombinase
2 non-polymer 'SULFATE ION'
3 water water
#
_entity_poly.entity_id   1
_entity_poly.type   'polypeptide(L)'
_entity_poly.pdbx_seq_one_letter_code
;MTMITHHHHHHGSTSITDFLRLTGNEFASVAQDGVTAGDISGWVDSGSYAFNALLSGDIYKGFPGNKIVVIGADPSTGKT
FFALGAAKNFLEQNKDGIVICFESESAITKNMLVERGIDVKRFGVVPVSTVQQFKTQALRIVDNYEKQPKNERQPVLFIL
DSLGMLSTDKEMADSAEGKDTRDMTRAQLIKAAFRVLTLKLGRAGIPMIVTNHVYEDVGAGPYASKVQAGGSGAVYASST
ILTLSKAKDRDTSTNEVTGVIVTVTATKSRLTKENSKIKCLIRYDGGLDRYYGMLELAEEAGVFKKVSTRFELEDGTKLF
GKTIMENPEKYFTNDILERINDYVKRKFCYGSGDDQAGADETLDDDEGQGDIH
;
_entity_poly.pdbx_strand_id   AAA
#
# COMPACT_ATOMS: atom_id res chain seq x y z
N HIS A 10 47.35 -10.46 16.94
CA HIS A 10 46.27 -9.42 16.73
C HIS A 10 44.93 -10.13 16.47
N HIS A 11 44.94 -11.23 15.72
CA HIS A 11 43.73 -11.86 15.12
C HIS A 11 43.28 -13.09 15.91
N GLY A 12 42.46 -12.85 16.95
CA GLY A 12 41.83 -13.90 17.76
C GLY A 12 40.35 -14.10 17.42
N SER A 13 39.61 -14.74 18.34
CA SER A 13 38.17 -15.06 18.22
C SER A 13 37.36 -13.77 18.14
N THR A 14 36.31 -13.75 17.31
CA THR A 14 35.55 -12.54 16.92
C THR A 14 34.07 -12.87 17.07
N SER A 15 33.33 -12.01 17.74
CA SER A 15 31.85 -12.08 17.82
C SER A 15 31.26 -11.65 16.46
N ILE A 16 29.99 -11.95 16.28
CA ILE A 16 29.22 -11.47 15.10
C ILE A 16 29.23 -9.93 15.13
N THR A 17 29.14 -9.31 16.31
CA THR A 17 29.14 -7.83 16.41
C THR A 17 30.40 -7.27 15.77
N ASP A 18 31.57 -7.85 16.08
CA ASP A 18 32.90 -7.39 15.60
C ASP A 18 32.99 -7.62 14.09
N PHE A 19 32.56 -8.79 13.59
CA PHE A 19 32.56 -9.11 12.14
C PHE A 19 31.70 -8.08 11.39
N LEU A 20 30.52 -7.75 11.92
CA LEU A 20 29.64 -6.75 11.27
C LEU A 20 30.33 -5.38 11.28
N ARG A 21 31.01 -5.01 12.37
CA ARG A 21 31.68 -3.68 12.48
C ARG A 21 32.83 -3.61 11.45
N LEU A 22 33.49 -4.73 11.16
CA LEU A 22 34.59 -4.80 10.16
C LEU A 22 34.09 -4.41 8.77
N THR A 23 32.80 -4.56 8.45
CA THR A 23 32.33 -4.20 7.09
C THR A 23 32.48 -2.69 6.86
N GLY A 24 32.54 -1.91 7.94
CA GLY A 24 32.49 -0.44 7.88
C GLY A 24 31.11 0.07 7.48
N ASN A 25 30.12 -0.80 7.50
CA ASN A 25 28.74 -0.51 7.08
C ASN A 25 27.97 -0.07 8.32
N GLU A 26 27.68 1.23 8.47
CA GLU A 26 27.13 1.71 9.77
C GLU A 26 25.74 1.10 10.01
N PHE A 27 25.08 0.58 8.98
CA PHE A 27 23.71 -0.01 9.09
C PHE A 27 23.69 -1.54 9.20
N ALA A 28 24.84 -2.22 9.17
CA ALA A 28 24.88 -3.68 9.40
C ALA A 28 24.51 -3.91 10.86
N SER A 29 23.89 -5.02 11.20
CA SER A 29 23.35 -5.20 12.57
C SER A 29 23.14 -6.66 12.88
N VAL A 30 23.23 -7.02 14.16
CA VAL A 30 22.82 -8.35 14.69
C VAL A 30 21.27 -8.32 14.77
N ALA A 31 20.60 -9.36 14.28
CA ALA A 31 19.12 -9.39 14.20
C ALA A 31 18.53 -9.13 15.59
N GLN A 32 19.21 -9.53 16.67
CA GLN A 32 18.77 -9.31 18.08
C GLN A 32 18.45 -7.82 18.30
N ASP A 33 19.17 -6.89 17.69
CA ASP A 33 18.97 -5.44 17.95
C ASP A 33 17.69 -4.89 17.28
N GLY A 34 17.04 -5.64 16.39
CA GLY A 34 15.79 -5.18 15.75
C GLY A 34 15.93 -3.85 15.03
N VAL A 35 17.06 -3.59 14.36
CA VAL A 35 17.30 -2.31 13.60
C VAL A 35 17.66 -2.58 12.11
N THR A 36 17.24 -3.72 11.55
CA THR A 36 17.31 -3.95 10.08
C THR A 36 16.46 -2.91 9.35
N ALA A 37 16.76 -2.70 8.07
CA ALA A 37 16.01 -1.80 7.18
C ALA A 37 14.55 -2.23 7.22
N GLY A 38 14.33 -3.55 7.25
CA GLY A 38 13.02 -4.21 7.41
C GLY A 38 12.35 -3.85 8.73
N ASP A 39 13.06 -3.99 9.86
CA ASP A 39 12.54 -3.67 11.22
C ASP A 39 12.05 -2.21 11.25
N ILE A 40 12.75 -1.32 10.57
CA ILE A 40 12.62 0.16 10.73
C ILE A 40 11.71 0.75 9.66
N SER A 41 11.37 0.00 8.59
CA SER A 41 10.56 0.53 7.44
C SER A 41 9.14 0.87 7.89
N GLY A 42 8.53 0.05 8.75
CA GLY A 42 7.23 0.37 9.33
C GLY A 42 6.13 0.23 8.28
N TRP A 43 4.96 0.80 8.54
CA TRP A 43 3.75 0.49 7.74
C TRP A 43 2.97 1.75 7.47
N VAL A 44 2.34 1.82 6.32
CA VAL A 44 1.44 2.95 5.97
C VAL A 44 0.04 2.37 5.92
N ASP A 45 -0.74 2.74 6.94
CA ASP A 45 -2.20 2.48 7.04
C ASP A 45 -2.88 2.88 5.71
N SER A 46 -3.51 1.92 5.04
CA SER A 46 -4.32 2.15 3.82
C SER A 46 -5.62 2.91 4.13
N GLY A 47 -6.08 2.89 5.38
CA GLY A 47 -7.36 3.51 5.78
C GLY A 47 -8.46 2.48 5.89
N SER A 48 -8.24 1.26 5.38
CA SER A 48 -9.19 0.12 5.42
C SER A 48 -8.56 -1.01 6.22
N TYR A 49 -9.26 -1.47 7.27
CA TYR A 49 -8.78 -2.62 8.08
C TYR A 49 -8.67 -3.85 7.20
N ALA A 50 -9.71 -4.14 6.42
CA ALA A 50 -9.75 -5.36 5.58
C ALA A 50 -8.63 -5.31 4.52
N PHE A 51 -8.39 -4.14 3.90
CA PHE A 51 -7.29 -3.99 2.90
C PHE A 51 -5.94 -4.19 3.61
N ASN A 52 -5.73 -3.54 4.74
CA ASN A 52 -4.56 -3.72 5.62
C ASN A 52 -4.32 -5.21 5.83
N ALA A 53 -5.35 -6.01 6.04
CA ALA A 53 -5.26 -7.45 6.33
C ALA A 53 -4.73 -8.20 5.11
N LEU A 54 -5.25 -7.87 3.93
CA LEU A 54 -4.89 -8.60 2.70
C LEU A 54 -3.42 -8.33 2.39
N LEU A 55 -2.97 -7.11 2.68
CA LEU A 55 -1.61 -6.60 2.36
C LEU A 55 -0.58 -7.31 3.26
N SER A 56 -0.78 -7.19 4.58
CA SER A 56 0.22 -7.35 5.66
C SER A 56 -0.20 -8.43 6.68
N GLY A 57 -1.31 -9.14 6.50
CA GLY A 57 -1.88 -10.10 7.46
C GLY A 57 -2.20 -9.49 8.83
N ASP A 58 -2.48 -8.20 8.90
CA ASP A 58 -2.72 -7.49 10.18
C ASP A 58 -3.51 -6.20 9.89
N ILE A 59 -4.73 -6.12 10.42
CA ILE A 59 -5.65 -4.98 10.15
C ILE A 59 -4.95 -3.68 10.51
N TYR A 60 -3.95 -3.70 11.41
CA TYR A 60 -3.36 -2.44 11.96
C TYR A 60 -2.11 -1.99 11.17
N LYS A 61 -1.64 -2.75 10.18
CA LYS A 61 -0.37 -2.44 9.46
C LYS A 61 -0.70 -1.62 8.19
N GLY A 62 -0.77 -2.24 7.02
CA GLY A 62 -0.96 -1.53 5.73
C GLY A 62 0.15 -1.80 4.73
N PHE A 63 0.51 -0.81 3.91
CA PHE A 63 1.61 -0.91 2.92
C PHE A 63 2.94 -0.94 3.66
N PRO A 64 3.89 -1.85 3.31
CA PRO A 64 5.27 -1.71 3.77
C PRO A 64 5.77 -0.29 3.48
N GLY A 65 6.43 0.31 4.47
CA GLY A 65 6.82 1.73 4.48
C GLY A 65 7.91 2.06 3.48
N ASN A 66 8.56 1.08 2.88
CA ASN A 66 9.69 1.42 1.98
C ASN A 66 9.66 0.55 0.71
N LYS A 67 8.49 0.05 0.31
CA LYS A 67 8.35 -0.91 -0.80
C LYS A 67 7.34 -0.44 -1.84
N ILE A 68 7.38 -1.14 -2.96
CA ILE A 68 6.54 -0.89 -4.14
C ILE A 68 5.43 -1.92 -4.14
N VAL A 69 4.20 -1.47 -4.29
CA VAL A 69 3.07 -2.41 -4.47
C VAL A 69 2.43 -2.11 -5.82
N VAL A 70 2.08 -3.15 -6.55
CA VAL A 70 1.37 -2.95 -7.84
C VAL A 70 -0.10 -3.18 -7.58
N ILE A 71 -0.93 -2.29 -8.11
CA ILE A 71 -2.40 -2.49 -8.14
C ILE A 71 -2.88 -2.52 -9.57
N GLY A 72 -3.31 -3.71 -10.03
CA GLY A 72 -3.79 -3.92 -11.41
C GLY A 72 -5.30 -4.13 -11.49
N ALA A 73 -5.92 -3.70 -12.59
CA ALA A 73 -7.37 -3.91 -12.84
C ALA A 73 -7.69 -3.59 -14.29
N ASP A 74 -8.88 -4.01 -14.76
CA ASP A 74 -9.47 -3.53 -16.04
CA ASP A 74 -9.43 -3.54 -16.06
C ASP A 74 -9.45 -2.00 -16.05
N PRO A 75 -9.15 -1.34 -17.19
CA PRO A 75 -9.33 0.10 -17.25
C PRO A 75 -10.76 0.48 -16.80
N SER A 76 -10.90 1.67 -16.19
CA SER A 76 -12.18 2.25 -15.69
C SER A 76 -12.62 1.57 -14.40
N THR A 77 -11.84 0.65 -13.83
CA THR A 77 -12.19 -0.04 -12.57
C THR A 77 -12.08 0.93 -11.38
N GLY A 78 -11.28 2.00 -11.51
CA GLY A 78 -11.07 2.99 -10.42
C GLY A 78 -9.78 2.79 -9.62
N LYS A 79 -8.75 2.16 -10.21
CA LYS A 79 -7.39 2.09 -9.64
C LYS A 79 -6.95 3.49 -9.23
N THR A 80 -7.22 4.50 -10.06
CA THR A 80 -6.81 5.89 -9.78
C THR A 80 -7.40 6.30 -8.43
N PHE A 81 -8.70 6.09 -8.26
CA PHE A 81 -9.47 6.49 -7.05
C PHE A 81 -9.04 5.62 -5.90
N PHE A 82 -8.66 4.37 -6.16
CA PHE A 82 -8.12 3.47 -5.12
C PHE A 82 -6.85 4.08 -4.50
N ALA A 83 -5.90 4.46 -5.35
CA ALA A 83 -4.59 5.04 -4.96
C ALA A 83 -4.79 6.41 -4.29
N LEU A 84 -5.64 7.28 -4.86
CA LEU A 84 -6.07 8.56 -4.20
C LEU A 84 -6.66 8.28 -2.81
N GLY A 85 -7.45 7.21 -2.64
CA GLY A 85 -7.94 6.79 -1.32
C GLY A 85 -6.79 6.59 -0.34
N ALA A 86 -5.77 5.85 -0.76
CA ALA A 86 -4.57 5.59 0.09
C ALA A 86 -3.86 6.90 0.33
N ALA A 87 -3.69 7.73 -0.70
CA ALA A 87 -3.03 9.04 -0.56
C ALA A 87 -3.78 9.89 0.49
N LYS A 88 -5.11 9.84 0.52
CA LYS A 88 -5.90 10.68 1.45
C LYS A 88 -5.58 10.26 2.90
N ASN A 89 -5.56 8.96 3.21
CA ASN A 89 -5.26 8.49 4.60
C ASN A 89 -3.85 8.91 5.02
N PHE A 90 -2.88 8.71 4.13
CA PHE A 90 -1.48 9.14 4.32
C PHE A 90 -1.37 10.63 4.71
N LEU A 91 -2.06 11.51 4.00
CA LEU A 91 -1.96 12.98 4.23
C LEU A 91 -2.63 13.36 5.56
N GLU A 92 -3.69 12.65 5.97
CA GLU A 92 -4.34 12.84 7.29
C GLU A 92 -3.45 12.33 8.41
N GLN A 93 -2.92 11.11 8.30
CA GLN A 93 -2.14 10.48 9.39
C GLN A 93 -0.75 11.13 9.51
N ASN A 94 -0.32 11.93 8.53
CA ASN A 94 1.04 12.54 8.48
C ASN A 94 0.88 14.00 8.05
N LYS A 95 0.71 14.90 9.03
CA LYS A 95 0.19 16.27 8.77
C LYS A 95 1.25 17.04 7.97
N ASP A 96 2.51 16.58 7.97
CA ASP A 96 3.64 17.18 7.18
C ASP A 96 3.99 16.31 5.94
N GLY A 97 3.39 15.13 5.78
CA GLY A 97 3.66 14.22 4.64
C GLY A 97 3.24 14.82 3.31
N ILE A 98 3.95 14.49 2.23
CA ILE A 98 3.56 14.90 0.85
C ILE A 98 3.40 13.68 -0.07
N VAL A 99 2.58 13.83 -1.10
CA VAL A 99 2.32 12.79 -2.14
C VAL A 99 2.79 13.35 -3.47
N ILE A 100 3.69 12.61 -4.13
CA ILE A 100 4.09 12.89 -5.53
C ILE A 100 3.51 11.80 -6.45
N CYS A 101 2.63 12.20 -7.35
CA CYS A 101 1.98 11.29 -8.33
C CYS A 101 2.62 11.53 -9.70
N PHE A 102 3.28 10.49 -10.20
CA PHE A 102 3.87 10.40 -11.56
C PHE A 102 2.77 9.89 -12.48
N GLU A 103 2.32 10.74 -13.40
CA GLU A 103 1.04 10.53 -14.11
C GLU A 103 1.36 10.43 -15.59
N SER A 104 1.01 9.31 -16.21
CA SER A 104 1.19 9.09 -17.66
C SER A 104 -0.11 9.47 -18.41
N GLU A 105 -1.30 9.36 -17.80
CA GLU A 105 -2.57 9.88 -18.40
C GLU A 105 -2.70 11.35 -18.02
N SER A 106 -3.86 11.95 -18.13
CA SER A 106 -4.04 13.41 -17.92
C SER A 106 -5.29 13.62 -17.10
N ALA A 107 -5.50 12.77 -16.11
CA ALA A 107 -6.81 12.59 -15.45
C ALA A 107 -6.88 13.44 -14.20
N ILE A 108 -5.80 13.62 -13.45
CA ILE A 108 -5.89 14.20 -12.08
C ILE A 108 -6.20 15.70 -12.24
N THR A 109 -7.16 16.23 -11.48
CA THR A 109 -7.50 17.68 -11.51
C THR A 109 -7.52 18.20 -10.09
N LYS A 110 -7.37 19.50 -9.91
CA LYS A 110 -7.49 20.05 -8.54
C LYS A 110 -8.88 19.71 -7.95
N ASN A 111 -9.97 19.76 -8.74
CA ASN A 111 -11.37 19.62 -8.22
C ASN A 111 -11.60 18.20 -7.70
N MET A 112 -11.19 17.21 -8.50
CA MET A 112 -11.17 15.78 -8.12
C MET A 112 -10.49 15.61 -6.75
N LEU A 113 -9.34 16.25 -6.51
CA LEU A 113 -8.60 16.09 -5.24
C LEU A 113 -9.33 16.87 -4.15
N VAL A 114 -9.78 18.10 -4.42
CA VAL A 114 -10.39 18.94 -3.35
C VAL A 114 -11.66 18.24 -2.86
N GLU A 115 -12.48 17.73 -3.78
CA GLU A 115 -13.78 17.08 -3.43
C GLU A 115 -13.54 15.78 -2.64
N ARG A 116 -12.40 15.11 -2.82
CA ARG A 116 -12.05 13.86 -2.09
C ARG A 116 -11.29 14.20 -0.81
N GLY A 117 -11.34 15.46 -0.35
CA GLY A 117 -10.74 15.86 0.95
C GLY A 117 -9.23 15.69 0.97
N ILE A 118 -8.59 15.74 -0.20
CA ILE A 118 -7.11 15.63 -0.31
C ILE A 118 -6.53 17.04 -0.30
N ASP A 119 -5.61 17.31 0.63
CA ASP A 119 -4.92 18.62 0.72
C ASP A 119 -4.02 18.84 -0.51
N VAL A 120 -4.40 19.79 -1.33
CA VAL A 120 -3.81 20.04 -2.67
C VAL A 120 -2.53 20.86 -2.54
N LYS A 121 -2.23 21.34 -1.33
CA LYS A 121 -0.94 22.03 -1.02
C LYS A 121 0.15 20.97 -0.80
N ARG A 122 -0.21 19.72 -0.51
CA ARG A 122 0.77 18.64 -0.25
C ARG A 122 0.59 17.47 -1.25
N PHE A 123 0.04 17.73 -2.44
CA PHE A 123 -0.10 16.74 -3.53
C PHE A 123 0.52 17.33 -4.79
N GLY A 124 1.53 16.65 -5.32
CA GLY A 124 2.26 17.09 -6.53
C GLY A 124 1.97 16.15 -7.70
N VAL A 125 2.05 16.67 -8.91
CA VAL A 125 1.76 15.86 -10.14
C VAL A 125 2.92 16.07 -11.09
N VAL A 126 3.54 14.99 -11.54
CA VAL A 126 4.71 15.03 -12.45
C VAL A 126 4.30 14.32 -13.74
N PRO A 127 4.00 15.02 -14.84
CA PRO A 127 3.55 14.33 -16.05
C PRO A 127 4.76 13.67 -16.72
N VAL A 128 4.66 12.39 -16.98
CA VAL A 128 5.76 11.61 -17.62
C VAL A 128 5.11 10.77 -18.70
N SER A 129 5.79 10.53 -19.79
CA SER A 129 5.21 9.76 -20.91
C SER A 129 6.09 8.56 -21.22
N THR A 130 7.31 8.48 -20.69
CA THR A 130 8.23 7.32 -20.95
C THR A 130 8.82 6.76 -19.64
N VAL A 131 9.24 5.49 -19.68
CA VAL A 131 10.04 4.83 -18.62
C VAL A 131 11.27 5.69 -18.27
N GLN A 132 12.04 6.17 -19.24
CA GLN A 132 13.24 6.99 -18.94
C GLN A 132 12.87 8.26 -18.18
N GLN A 133 11.78 8.94 -18.57
CA GLN A 133 11.37 10.22 -17.91
C GLN A 133 10.95 9.94 -16.46
N PHE A 134 10.15 8.89 -16.25
CA PHE A 134 9.73 8.46 -14.90
C PHE A 134 10.99 8.18 -14.05
N LYS A 135 11.86 7.26 -14.46
CA LYS A 135 13.08 6.88 -13.70
C LYS A 135 13.88 8.13 -13.34
N THR A 136 14.32 8.90 -14.32
CA THR A 136 15.15 10.11 -14.09
C THR A 136 14.45 11.03 -13.09
N GLN A 137 13.18 11.36 -13.31
CA GLN A 137 12.55 12.44 -12.52
C GLN A 137 12.23 11.93 -11.12
N ALA A 138 11.85 10.67 -10.96
CA ALA A 138 11.60 10.08 -9.62
C ALA A 138 12.91 10.08 -8.84
N LEU A 139 14.01 9.68 -9.47
CA LEU A 139 15.32 9.58 -8.79
C LEU A 139 15.85 10.96 -8.46
N ARG A 140 15.57 11.98 -9.27
CA ARG A 140 16.02 13.33 -8.88
C ARG A 140 15.38 13.72 -7.56
N ILE A 141 14.12 13.37 -7.33
CA ILE A 141 13.48 13.66 -6.03
C ILE A 141 14.15 12.78 -4.97
N VAL A 142 14.23 11.49 -5.23
CA VAL A 142 14.65 10.52 -4.18
C VAL A 142 16.09 10.85 -3.75
N ASP A 143 16.99 11.12 -4.70
CA ASP A 143 18.43 11.41 -4.46
C ASP A 143 18.53 12.65 -3.56
N ASN A 144 17.68 13.64 -3.76
CA ASN A 144 17.66 14.82 -2.87
C ASN A 144 17.25 14.40 -1.47
N TYR A 145 16.12 13.72 -1.37
CA TYR A 145 15.54 13.31 -0.09
C TYR A 145 16.56 12.49 0.71
N GLU A 146 17.28 11.63 0.01
CA GLU A 146 18.30 10.72 0.59
CA GLU A 146 18.31 10.72 0.58
C GLU A 146 19.45 11.54 1.20
N LYS A 147 19.80 12.69 0.58
CA LYS A 147 20.91 13.56 1.06
C LYS A 147 20.56 14.20 2.40
N GLN A 148 19.34 14.72 2.51
CA GLN A 148 18.82 15.37 3.74
C GLN A 148 19.12 14.48 4.95
N PRO A 149 19.58 15.05 6.08
CA PRO A 149 19.63 14.31 7.35
C PRO A 149 18.27 13.70 7.70
N LYS A 150 18.28 12.46 8.21
CA LYS A 150 17.05 11.69 8.54
C LYS A 150 16.12 12.59 9.35
N ASN A 151 16.70 13.53 10.12
CA ASN A 151 15.97 14.42 11.06
C ASN A 151 15.15 15.48 10.33
N GLU A 152 15.55 15.85 9.12
CA GLU A 152 14.94 16.95 8.31
C GLU A 152 13.79 16.44 7.42
N ARG A 153 13.69 15.13 7.20
CA ARG A 153 12.82 14.51 6.15
C ARG A 153 11.38 14.43 6.63
N GLN A 154 10.44 14.94 5.83
CA GLN A 154 9.00 14.66 6.01
C GLN A 154 8.65 13.33 5.34
N PRO A 155 7.55 12.68 5.76
CA PRO A 155 7.12 11.44 5.10
C PRO A 155 6.65 11.74 3.66
N VAL A 156 6.97 10.82 2.76
CA VAL A 156 6.65 10.96 1.31
C VAL A 156 5.99 9.65 0.86
N LEU A 157 4.92 9.75 0.09
CA LEU A 157 4.31 8.63 -0.66
C LEU A 157 4.38 8.93 -2.16
N PHE A 158 4.82 7.96 -2.93
CA PHE A 158 4.83 8.07 -4.40
C PHE A 158 3.66 7.24 -4.94
N ILE A 159 3.11 7.75 -6.03
CA ILE A 159 2.18 6.96 -6.86
C ILE A 159 2.65 7.02 -8.32
N LEU A 160 2.62 5.89 -9.02
CA LEU A 160 2.80 5.88 -10.49
C LEU A 160 1.46 5.42 -11.11
N ASP A 161 0.81 6.33 -11.83
CA ASP A 161 -0.48 6.10 -12.53
C ASP A 161 -0.34 6.46 -14.00
N SER A 162 -0.06 5.51 -14.90
CA SER A 162 0.05 4.10 -14.61
C SER A 162 1.30 3.54 -15.30
N LEU A 163 1.70 2.32 -14.95
CA LEU A 163 2.90 1.70 -15.53
C LEU A 163 2.73 1.35 -17.02
N GLY A 164 1.69 0.59 -17.36
CA GLY A 164 1.46 0.11 -18.76
C GLY A 164 1.22 1.23 -19.76
N MET A 165 0.86 2.43 -19.32
CA MET A 165 0.71 3.59 -20.24
C MET A 165 2.03 4.35 -20.41
N LEU A 166 3.12 4.02 -19.68
CA LEU A 166 4.43 4.63 -20.03
C LEU A 166 4.91 3.97 -21.32
N SER A 167 5.44 4.79 -22.23
CA SER A 167 6.10 4.36 -23.48
C SER A 167 7.59 4.33 -23.18
N THR A 168 8.44 4.27 -24.20
CA THR A 168 9.94 4.37 -24.12
C THR A 168 10.40 5.47 -25.08
N ASP A 169 11.52 6.15 -24.81
CA ASP A 169 12.01 7.24 -25.71
C ASP A 169 12.03 6.71 -27.17
N LYS A 170 12.38 5.44 -27.36
CA LYS A 170 12.47 4.75 -28.68
C LYS A 170 11.07 4.79 -29.32
N GLU A 171 10.14 4.00 -28.76
CA GLU A 171 8.74 3.87 -29.21
C GLU A 171 8.18 5.26 -29.47
N MET A 172 8.50 6.28 -28.68
CA MET A 172 7.97 7.65 -28.97
C MET A 172 8.79 8.21 -30.15
N ARG A 182 7.56 -4.12 -32.42
CA ARG A 182 7.83 -4.66 -31.06
C ARG A 182 9.18 -4.11 -30.57
N ASP A 183 9.23 -3.48 -29.39
CA ASP A 183 10.50 -2.98 -28.79
C ASP A 183 10.80 -3.78 -27.51
N THR A 185 13.54 -4.17 -25.71
CA THR A 185 14.06 -2.96 -25.00
C THR A 185 13.12 -2.52 -23.85
N ARG A 186 11.78 -2.53 -24.04
CA ARG A 186 10.79 -2.04 -23.01
C ARG A 186 10.96 -2.83 -21.72
N ALA A 187 10.94 -4.16 -21.83
CA ALA A 187 11.06 -5.12 -20.72
C ALA A 187 12.37 -4.85 -19.97
N GLN A 188 13.46 -4.64 -20.70
CA GLN A 188 14.82 -4.46 -20.15
C GLN A 188 14.89 -3.09 -19.48
N LEU A 189 14.26 -2.06 -20.06
CA LEU A 189 14.26 -0.70 -19.46
C LEU A 189 13.49 -0.75 -18.14
N ILE A 190 12.41 -1.50 -18.10
CA ILE A 190 11.57 -1.46 -16.88
C ILE A 190 12.33 -2.21 -15.78
N LYS A 191 12.92 -3.36 -16.10
CA LYS A 191 13.67 -4.18 -15.09
C LYS A 191 14.79 -3.34 -14.46
N ALA A 192 15.62 -2.71 -15.28
CA ALA A 192 16.70 -1.81 -14.82
C ALA A 192 16.13 -0.71 -13.94
N ALA A 193 15.11 0.02 -14.43
CA ALA A 193 14.56 1.21 -13.74
C ALA A 193 14.06 0.81 -12.35
N PHE A 194 13.29 -0.27 -12.27
CA PHE A 194 12.70 -0.75 -10.99
C PHE A 194 13.76 -1.39 -10.07
N ARG A 195 14.83 -1.98 -10.62
CA ARG A 195 15.95 -2.43 -9.75
C ARG A 195 16.46 -1.20 -8.97
N VAL A 196 16.83 -0.12 -9.65
CA VAL A 196 17.38 1.09 -8.98
C VAL A 196 16.33 1.75 -8.09
N LEU A 197 15.08 1.85 -8.52
CA LEU A 197 14.02 2.49 -7.69
C LEU A 197 13.81 1.66 -6.45
N THR A 198 13.68 0.35 -6.61
CA THR A 198 13.46 -0.57 -5.46
C THR A 198 14.55 -0.33 -4.41
N LEU A 199 15.80 -0.24 -4.84
CA LEU A 199 16.94 -0.04 -3.92
C LEU A 199 16.81 1.36 -3.30
N LYS A 200 16.59 2.36 -4.13
CA LYS A 200 16.67 3.75 -3.60
C LYS A 200 15.41 4.08 -2.77
N LEU A 201 14.24 3.54 -3.12
CA LEU A 201 13.03 3.82 -2.31
C LEU A 201 13.18 3.10 -0.97
N GLY A 202 13.71 1.89 -1.02
CA GLY A 202 13.94 1.01 0.15
C GLY A 202 14.83 1.67 1.19
N ARG A 203 15.94 2.26 0.77
CA ARG A 203 16.88 2.95 1.70
C ARG A 203 16.25 4.26 2.16
N ALA A 204 15.55 4.96 1.26
CA ALA A 204 15.02 6.30 1.57
C ALA A 204 13.81 6.20 2.52
N GLY A 205 13.17 5.04 2.65
CA GLY A 205 11.91 4.95 3.41
C GLY A 205 10.75 5.63 2.65
N ILE A 206 10.67 5.49 1.32
CA ILE A 206 9.48 5.98 0.53
C ILE A 206 8.75 4.79 -0.07
N PRO A 207 7.46 4.58 0.28
CA PRO A 207 6.65 3.57 -0.36
C PRO A 207 6.11 4.11 -1.69
N MET A 208 5.80 3.21 -2.60
CA MET A 208 5.26 3.60 -3.93
C MET A 208 4.12 2.65 -4.32
N ILE A 209 3.01 3.27 -4.71
CA ILE A 209 1.88 2.55 -5.32
C ILE A 209 1.97 2.68 -6.83
N VAL A 210 1.93 1.55 -7.51
CA VAL A 210 2.02 1.54 -9.00
C VAL A 210 0.73 0.97 -9.52
N THR A 211 -0.02 1.75 -10.32
CA THR A 211 -1.27 1.24 -10.96
C THR A 211 -0.92 0.66 -12.33
N ASN A 212 -1.74 -0.29 -12.81
CA ASN A 212 -1.47 -1.00 -14.09
C ASN A 212 -2.81 -1.48 -14.66
N HIS A 213 -3.14 -1.12 -15.90
CA HIS A 213 -4.28 -1.69 -16.66
C HIS A 213 -3.97 -3.16 -16.90
N VAL A 214 -4.90 -4.05 -16.57
CA VAL A 214 -4.83 -5.49 -16.93
C VAL A 214 -5.96 -5.78 -17.92
N TYR A 215 -5.74 -6.58 -18.95
CA TYR A 215 -6.77 -6.88 -19.98
C TYR A 215 -7.22 -8.34 -19.87
N GLY A 233 5.30 -5.25 -17.77
CA GLY A 233 6.53 -5.31 -16.97
C GLY A 233 6.25 -5.20 -15.48
N ALA A 234 5.02 -5.49 -15.07
CA ALA A 234 4.59 -5.41 -13.66
C ALA A 234 5.42 -6.38 -12.84
N VAL A 235 5.80 -7.50 -13.45
CA VAL A 235 6.58 -8.56 -12.76
C VAL A 235 7.91 -7.96 -12.25
N TYR A 236 8.45 -6.94 -12.91
CA TYR A 236 9.68 -6.22 -12.48
C TYR A 236 9.39 -5.13 -11.46
N ALA A 237 8.16 -4.62 -11.38
CA ALA A 237 7.88 -3.50 -10.45
C ALA A 237 7.87 -3.99 -9.00
N SER A 238 7.33 -5.17 -8.73
CA SER A 238 7.13 -5.60 -7.33
C SER A 238 6.85 -7.09 -7.27
N SER A 239 7.13 -7.70 -6.13
CA SER A 239 6.76 -9.09 -5.82
C SER A 239 5.34 -9.15 -5.22
N THR A 240 4.77 -7.99 -4.84
CA THR A 240 3.36 -7.84 -4.40
C THR A 240 2.53 -7.16 -5.51
N ILE A 241 1.70 -7.94 -6.16
CA ILE A 241 0.79 -7.45 -7.23
C ILE A 241 -0.64 -7.76 -6.78
N LEU A 242 -1.46 -6.71 -6.62
CA LEU A 242 -2.89 -6.86 -6.24
C LEU A 242 -3.76 -6.58 -7.46
N THR A 243 -4.86 -7.32 -7.60
CA THR A 243 -5.89 -7.09 -8.66
C THR A 243 -7.17 -6.55 -8.01
N LEU A 244 -7.68 -5.43 -8.52
CA LEU A 244 -9.06 -4.97 -8.20
C LEU A 244 -10.00 -5.51 -9.27
N SER A 245 -11.19 -6.00 -8.87
CA SER A 245 -12.33 -6.30 -9.80
C SER A 245 -13.65 -5.76 -9.23
N LYS A 246 -14.51 -5.18 -10.09
CA LYS A 246 -15.73 -4.40 -9.72
C LYS A 246 -16.74 -5.35 -9.07
N ALA A 247 -17.62 -4.80 -8.22
CA ALA A 247 -18.65 -5.51 -7.43
C ALA A 247 -18.00 -6.15 -6.21
N THR A 258 -22.55 5.93 -1.24
CA THR A 258 -21.29 6.31 -0.54
C THR A 258 -20.02 5.92 -1.32
N GLY A 259 -20.06 4.98 -2.27
CA GLY A 259 -18.91 4.77 -3.18
C GLY A 259 -18.91 3.42 -3.88
N VAL A 260 -17.75 2.98 -4.37
CA VAL A 260 -17.60 1.82 -5.32
C VAL A 260 -17.00 0.64 -4.56
N ILE A 261 -17.65 -0.51 -4.64
CA ILE A 261 -17.19 -1.80 -4.02
C ILE A 261 -16.22 -2.45 -5.00
N VAL A 262 -15.05 -2.87 -4.52
CA VAL A 262 -14.14 -3.75 -5.33
C VAL A 262 -13.75 -4.96 -4.49
N THR A 263 -13.57 -6.09 -5.17
CA THR A 263 -12.79 -7.24 -4.66
C THR A 263 -11.31 -6.92 -4.88
N VAL A 264 -10.51 -7.05 -3.83
CA VAL A 264 -9.03 -6.98 -3.87
C VAL A 264 -8.51 -8.39 -3.69
N THR A 265 -7.83 -8.94 -4.71
CA THR A 265 -7.16 -10.26 -4.72
C THR A 265 -5.62 -10.06 -4.61
N ALA A 266 -4.95 -10.85 -3.77
CA ALA A 266 -3.47 -11.00 -3.70
C ALA A 266 -3.01 -11.92 -4.84
N THR A 267 -2.89 -11.39 -6.04
CA THR A 267 -2.57 -12.19 -7.25
C THR A 267 -1.13 -12.71 -7.11
N LYS A 268 -0.24 -11.93 -6.48
CA LYS A 268 1.16 -12.32 -6.17
C LYS A 268 1.55 -11.59 -4.90
N SER A 269 2.04 -12.30 -3.87
CA SER A 269 2.34 -11.65 -2.58
C SER A 269 3.49 -12.36 -1.86
N ARG A 270 4.44 -11.58 -1.34
CA ARG A 270 5.49 -12.04 -0.39
C ARG A 270 4.83 -12.33 0.97
N LEU A 271 3.95 -11.44 1.45
CA LEU A 271 3.55 -11.37 2.87
C LEU A 271 2.33 -12.26 3.15
N THR A 272 1.38 -12.41 2.21
CA THR A 272 0.12 -13.15 2.44
C THR A 272 -0.11 -14.15 1.31
N LYS A 273 -1.00 -15.13 1.53
CA LYS A 273 -1.27 -16.28 0.62
C LYS A 273 -1.91 -15.78 -0.65
N GLU A 274 -1.40 -16.26 -1.80
CA GLU A 274 -1.92 -15.87 -3.12
C GLU A 274 -3.40 -16.28 -3.19
N ASN A 275 -4.18 -15.51 -3.93
CA ASN A 275 -5.61 -15.73 -4.24
C ASN A 275 -6.50 -15.41 -3.04
N SER A 276 -5.94 -15.06 -1.87
CA SER A 276 -6.64 -14.31 -0.78
C SER A 276 -7.46 -13.17 -1.39
N LYS A 277 -8.61 -12.84 -0.77
CA LYS A 277 -9.60 -11.87 -1.28
C LYS A 277 -10.22 -11.13 -0.09
N ILE A 278 -10.36 -9.83 -0.23
CA ILE A 278 -11.21 -8.97 0.64
C ILE A 278 -12.08 -8.10 -0.27
N LYS A 279 -13.06 -7.44 0.33
CA LYS A 279 -13.88 -6.40 -0.36
C LYS A 279 -13.55 -5.11 0.33
N CYS A 280 -13.47 -4.04 -0.46
CA CYS A 280 -13.01 -2.72 0.01
C CYS A 280 -13.95 -1.66 -0.59
N LEU A 281 -14.22 -0.59 0.16
CA LEU A 281 -15.13 0.47 -0.35
C LEU A 281 -14.32 1.73 -0.61
N ILE A 282 -14.36 2.16 -1.85
CA ILE A 282 -13.72 3.43 -2.29
C ILE A 282 -14.81 4.48 -2.17
N ARG A 283 -14.75 5.31 -1.15
CA ARG A 283 -15.79 6.30 -0.87
C ARG A 283 -15.75 7.40 -1.93
N TYR A 284 -16.93 7.87 -2.35
CA TYR A 284 -17.06 9.10 -3.17
C TYR A 284 -16.38 10.27 -2.47
N ASP A 285 -16.44 10.38 -1.14
CA ASP A 285 -15.75 11.49 -0.41
C ASP A 285 -14.24 11.24 -0.25
N GLY A 286 -13.69 10.10 -0.70
CA GLY A 286 -12.28 10.05 -1.12
C GLY A 286 -11.52 8.85 -0.58
N GLY A 287 -11.74 8.51 0.68
CA GLY A 287 -10.95 7.49 1.38
C GLY A 287 -11.40 6.09 1.04
N LEU A 288 -10.53 5.15 1.34
CA LEU A 288 -10.88 3.72 1.50
C LEU A 288 -11.66 3.62 2.80
N ASP A 289 -12.78 2.89 2.82
CA ASP A 289 -13.66 2.84 4.01
C ASP A 289 -12.97 1.98 5.07
N ARG A 290 -12.91 2.53 6.29
CA ARG A 290 -12.27 1.90 7.46
C ARG A 290 -12.85 0.52 7.73
N TYR A 291 -14.17 0.35 7.64
CA TYR A 291 -14.83 -0.87 8.18
C TYR A 291 -15.32 -1.78 7.08
N TYR A 292 -15.64 -1.25 5.90
CA TYR A 292 -16.30 -2.07 4.88
C TYR A 292 -15.38 -3.25 4.57
N GLY A 293 -15.94 -4.45 4.58
CA GLY A 293 -15.29 -5.74 4.33
C GLY A 293 -15.07 -6.52 5.62
N MET A 294 -15.17 -5.85 6.76
CA MET A 294 -14.90 -6.42 8.11
C MET A 294 -16.06 -7.29 8.64
N LEU A 295 -17.29 -7.09 8.17
CA LEU A 295 -18.44 -7.98 8.51
C LEU A 295 -18.15 -9.38 7.98
N GLU A 296 -17.78 -9.44 6.70
CA GLU A 296 -17.39 -10.69 5.98
C GLU A 296 -16.31 -11.41 6.80
N LEU A 297 -15.31 -10.66 7.29
CA LEU A 297 -14.21 -11.21 8.11
C LEU A 297 -14.70 -11.61 9.50
N ALA A 298 -15.54 -10.78 10.14
CA ALA A 298 -16.14 -11.07 11.47
C ALA A 298 -16.87 -12.42 11.41
N GLU A 299 -17.63 -12.67 10.33
CA GLU A 299 -18.37 -13.94 10.11
C GLU A 299 -17.35 -15.08 10.07
N GLU A 300 -16.44 -15.08 9.08
CA GLU A 300 -15.53 -16.26 8.90
C GLU A 300 -14.62 -16.35 10.12
N ALA A 301 -14.41 -15.25 10.84
CA ALA A 301 -13.72 -15.25 12.15
C ALA A 301 -14.61 -15.91 13.22
N GLY A 302 -15.89 -16.14 12.93
CA GLY A 302 -16.86 -16.71 13.88
C GLY A 302 -17.08 -15.82 15.10
N VAL A 303 -16.73 -14.54 15.04
CA VAL A 303 -16.91 -13.54 16.14
C VAL A 303 -18.35 -13.02 16.09
N PHE A 304 -18.92 -12.89 14.89
CA PHE A 304 -20.36 -12.66 14.64
C PHE A 304 -20.91 -13.88 13.92
N LYS A 305 -21.61 -14.76 14.66
CA LYS A 305 -22.39 -15.90 14.08
C LYS A 305 -23.59 -15.30 13.33
N LYS A 306 -23.91 -15.84 12.14
CA LYS A 306 -25.12 -15.50 11.35
C LYS A 306 -26.29 -16.42 11.79
N VAL A 307 -27.29 -15.87 12.47
CA VAL A 307 -28.54 -16.60 12.91
C VAL A 307 -29.74 -15.96 12.20
N SER A 308 -30.22 -16.56 11.11
CA SER A 308 -31.44 -16.11 10.39
C SER A 308 -31.09 -14.93 9.48
N THR A 309 -31.95 -13.91 9.45
CA THR A 309 -31.81 -12.73 8.55
C THR A 309 -30.83 -11.73 9.19
N ARG A 310 -30.10 -12.12 10.25
CA ARG A 310 -29.28 -11.16 11.05
C ARG A 310 -28.11 -11.88 11.76
N PHE A 311 -27.31 -11.14 12.52
CA PHE A 311 -26.03 -11.60 13.15
C PHE A 311 -26.14 -11.63 14.67
N GLU A 312 -25.58 -12.68 15.29
CA GLU A 312 -25.46 -12.86 16.76
C GLU A 312 -24.07 -12.44 17.23
N LEU A 313 -23.99 -11.73 18.37
CA LEU A 313 -22.73 -11.35 19.09
C LEU A 313 -22.48 -12.31 20.26
N GLU A 314 -21.39 -12.09 21.01
CA GLU A 314 -20.95 -12.92 22.19
C GLU A 314 -22.05 -12.91 23.25
N ASP A 315 -22.41 -11.72 23.74
CA ASP A 315 -23.41 -11.50 24.83
C ASP A 315 -24.76 -12.13 24.43
N GLY A 316 -25.07 -12.17 23.13
CA GLY A 316 -26.28 -12.81 22.59
C GLY A 316 -27.00 -11.92 21.59
N THR A 317 -26.84 -10.60 21.71
CA THR A 317 -27.50 -9.56 20.86
C THR A 317 -27.57 -10.03 19.41
N LYS A 318 -28.71 -9.79 18.75
CA LYS A 318 -29.00 -10.15 17.33
C LYS A 318 -29.25 -8.83 16.60
N LEU A 319 -28.46 -8.51 15.55
CA LEU A 319 -28.56 -7.25 14.76
C LEU A 319 -28.52 -7.58 13.26
N PHE A 320 -29.15 -6.77 12.42
CA PHE A 320 -28.98 -6.82 10.94
C PHE A 320 -27.58 -6.33 10.56
N GLY A 321 -27.01 -6.94 9.53
CA GLY A 321 -25.76 -6.47 8.90
C GLY A 321 -25.79 -4.97 8.71
N LYS A 322 -26.89 -4.46 8.13
CA LYS A 322 -27.06 -3.00 7.80
C LYS A 322 -26.89 -2.20 9.09
N THR A 323 -27.29 -2.75 10.23
CA THR A 323 -27.26 -1.99 11.52
C THR A 323 -25.80 -1.96 12.02
N ILE A 324 -25.18 -3.11 12.08
CA ILE A 324 -23.72 -3.21 12.45
C ILE A 324 -22.93 -2.17 11.64
N MET A 325 -23.15 -2.13 10.32
CA MET A 325 -22.33 -1.36 9.34
C MET A 325 -22.79 0.09 9.30
N GLU A 326 -23.96 0.44 9.87
CA GLU A 326 -24.44 1.84 9.91
C GLU A 326 -23.74 2.55 11.07
N ASN A 327 -23.26 1.82 12.08
CA ASN A 327 -22.51 2.39 13.23
C ASN A 327 -21.40 1.43 13.70
N PRO A 328 -20.29 1.30 12.94
CA PRO A 328 -19.32 0.23 13.22
C PRO A 328 -18.45 0.49 14.45
N GLU A 329 -18.24 1.77 14.77
CA GLU A 329 -17.50 2.18 15.99
C GLU A 329 -18.16 1.55 17.22
N LYS A 330 -19.51 1.43 17.29
CA LYS A 330 -20.21 0.80 18.46
C LYS A 330 -19.85 -0.70 18.54
N TYR A 331 -19.93 -1.45 17.44
CA TYR A 331 -19.85 -2.94 17.45
C TYR A 331 -18.43 -3.46 17.18
N PHE A 332 -17.58 -2.76 16.41
CA PHE A 332 -16.18 -3.22 16.16
C PHE A 332 -15.27 -2.58 17.24
N THR A 333 -15.45 -3.03 18.49
CA THR A 333 -14.68 -2.60 19.68
C THR A 333 -13.26 -3.15 19.59
N ASN A 334 -12.33 -2.61 20.40
CA ASN A 334 -10.93 -3.10 20.50
C ASN A 334 -11.00 -4.61 20.67
N ASP A 335 -11.89 -5.09 21.54
CA ASP A 335 -12.25 -6.51 21.79
C ASP A 335 -12.38 -7.32 20.50
N ILE A 336 -13.40 -7.00 19.69
CA ILE A 336 -13.80 -7.74 18.46
C ILE A 336 -12.65 -7.65 17.46
N LEU A 337 -12.03 -6.48 17.32
CA LEU A 337 -10.96 -6.22 16.33
C LEU A 337 -9.77 -7.14 16.62
N GLU A 338 -9.32 -7.23 17.89
CA GLU A 338 -8.25 -8.18 18.32
C GLU A 338 -8.58 -9.59 17.84
N ARG A 339 -9.80 -10.05 18.11
CA ARG A 339 -10.19 -11.44 17.78
C ARG A 339 -10.18 -11.60 16.26
N ILE A 340 -10.81 -10.68 15.53
CA ILE A 340 -10.80 -10.71 14.03
C ILE A 340 -9.34 -10.73 13.53
N ASN A 341 -8.49 -9.92 14.15
CA ASN A 341 -7.06 -9.81 13.78
C ASN A 341 -6.35 -11.15 13.97
N ASP A 342 -6.73 -11.96 14.98
CA ASP A 342 -6.05 -13.25 15.25
C ASP A 342 -6.38 -14.19 14.10
N TYR A 343 -7.64 -14.15 13.66
CA TYR A 343 -8.13 -14.96 12.52
C TYR A 343 -7.44 -14.52 11.22
N VAL A 344 -7.29 -13.22 11.04
CA VAL A 344 -6.66 -12.62 9.83
C VAL A 344 -5.23 -13.19 9.70
N LYS A 345 -4.44 -13.20 10.79
CA LYS A 345 -3.09 -13.83 10.84
C LYS A 345 -3.16 -15.26 10.28
N ARG A 346 -4.13 -16.06 10.73
CA ARG A 346 -4.27 -17.49 10.34
C ARG A 346 -4.72 -17.61 8.87
N LYS A 347 -5.79 -16.95 8.44
CA LYS A 347 -6.30 -17.07 7.04
C LYS A 347 -5.27 -16.49 6.07
N PHE A 348 -4.60 -15.38 6.41
CA PHE A 348 -3.90 -14.55 5.39
C PHE A 348 -2.43 -14.94 5.31
N CYS A 349 -1.79 -15.27 6.43
CA CYS A 349 -0.38 -15.77 6.49
C CYS A 349 -0.28 -17.29 6.23
N TYR A 350 -1.27 -18.10 6.61
CA TYR A 350 -1.32 -19.56 6.30
C TYR A 350 -2.67 -19.90 5.65
#